data_5TWH
#
_entry.id   5TWH
#
_cell.length_a   60.986
_cell.length_b   60.986
_cell.length_c   138.486
_cell.angle_alpha   90.00
_cell.angle_beta   90.00
_cell.angle_gamma   90.00
#
_symmetry.space_group_name_H-M   'P 43 21 2'
#
loop_
_entity.id
_entity.type
_entity.pdbx_description
1 polymer 'MOB kinase activator 1A'
2 polymer 'T367 peptide'
3 non-polymer 'ZINC ION'
4 water water
#
loop_
_entity_poly.entity_id
_entity_poly.type
_entity_poly.pdbx_seq_one_letter_code
_entity_poly.pdbx_strand_id
1 'polypeptide(L)'
;MSFLFSSRSSKTFKPKKNIPEGSHQYELLKHAEATLGSGNLRQAVMLPEGEDLNEWIAVNTVDFFNQINMLYGTITEFCT
EASCPVMSAGPRYEYHWADGTNIKKPIKCSAPKYIDYLMTWVQDQLDDETLFPSKIGVPFPKNFMSVAKTILKRLFRVYA
HIYHQHFDSVMQLQEEAHLNTSFKHFIFFVQEFNLIDRRELAPLQELIEKLGSKDR
;
A
2 'polypeptide(L)' DDTLPSQLG(TPO)MVINAED E
#
loop_
_chem_comp.id
_chem_comp.type
_chem_comp.name
_chem_comp.formula
ZN non-polymer 'ZINC ION' 'Zn 2'
#
# COMPACT_ATOMS: atom_id res chain seq x y z
N PRO A 15 22.25 5.15 1.92
CA PRO A 15 22.98 4.09 2.62
C PRO A 15 22.46 2.69 2.34
N LYS A 16 22.75 2.17 1.15
CA LYS A 16 22.55 0.78 0.74
C LYS A 16 23.03 0.68 -0.70
N LYS A 17 23.39 -0.54 -1.12
CA LYS A 17 24.04 -0.68 -2.42
C LYS A 17 24.37 -2.12 -2.78
N ASN A 18 24.91 -2.31 -3.97
CA ASN A 18 25.29 -3.64 -4.44
C ASN A 18 26.74 -3.93 -4.06
N GLY A 22 23.18 -7.32 -6.15
CA GLY A 22 21.75 -7.57 -6.19
C GLY A 22 21.24 -8.05 -7.54
N SER A 23 20.15 -8.83 -7.50
CA SER A 23 19.48 -9.41 -8.68
C SER A 23 18.35 -10.30 -8.15
N HIS A 24 17.49 -10.85 -9.02
CA HIS A 24 17.12 -10.28 -10.31
C HIS A 24 15.93 -9.34 -10.10
N GLN A 25 15.21 -9.56 -9.00
CA GLN A 25 14.08 -8.70 -8.66
C GLN A 25 14.54 -7.34 -8.17
N TYR A 26 15.85 -7.14 -8.00
CA TYR A 26 16.35 -5.81 -7.68
C TYR A 26 16.43 -4.93 -8.91
N GLU A 27 16.85 -5.48 -10.05
CA GLU A 27 16.78 -4.72 -11.30
C GLU A 27 15.33 -4.37 -11.62
N LEU A 28 14.42 -5.30 -11.35
CA LEU A 28 12.99 -5.03 -11.57
C LEU A 28 12.53 -3.83 -10.76
N LEU A 29 12.94 -3.75 -9.50
CA LEU A 29 12.58 -2.61 -8.66
C LEU A 29 13.17 -1.32 -9.20
N LYS A 30 14.47 -1.34 -9.55
CA LYS A 30 15.10 -0.17 -10.14
C LYS A 30 14.51 0.15 -11.51
N HIS A 31 14.17 -0.90 -12.27
CA HIS A 31 13.48 -0.73 -13.54
C HIS A 31 12.20 0.08 -13.36
N ALA A 32 11.36 -0.34 -12.42
CA ALA A 32 10.08 0.33 -12.19
C ALA A 32 10.28 1.74 -11.66
N GLU A 33 11.25 1.92 -10.75
CA GLU A 33 11.48 3.25 -10.18
C GLU A 33 11.95 4.22 -11.24
N ALA A 34 12.81 3.78 -12.15
CA ALA A 34 13.35 4.66 -13.17
C ALA A 34 12.29 5.04 -14.20
N THR A 35 11.54 4.04 -14.68
CA THR A 35 10.61 4.27 -15.79
C THR A 35 9.47 5.22 -15.43
N LEU A 36 9.21 5.45 -14.14
CA LEU A 36 8.23 6.46 -13.77
C LEU A 36 8.63 7.85 -14.23
N GLY A 37 9.93 8.09 -14.44
CA GLY A 37 10.42 9.43 -14.77
C GLY A 37 9.91 9.98 -16.08
N SER A 38 9.19 9.18 -16.87
CA SER A 38 8.56 9.68 -18.08
C SER A 38 7.30 10.49 -17.79
N GLY A 39 6.76 10.40 -16.58
CA GLY A 39 5.54 11.08 -16.24
C GLY A 39 4.28 10.44 -16.76
N ASN A 40 4.39 9.45 -17.63
CA ASN A 40 3.23 8.68 -18.05
C ASN A 40 3.27 7.43 -17.19
N LEU A 41 2.40 7.38 -16.18
CA LEU A 41 2.44 6.30 -15.22
C LEU A 41 1.61 5.11 -15.66
N ARG A 42 0.72 5.28 -16.62
CA ARG A 42 -0.06 4.15 -17.09
C ARG A 42 0.78 3.22 -17.96
N GLN A 43 1.83 3.75 -18.59
CA GLN A 43 2.75 2.90 -19.35
C GLN A 43 3.80 2.24 -18.46
N ALA A 44 4.44 3.01 -17.59
CA ALA A 44 5.50 2.47 -16.75
C ALA A 44 4.99 1.49 -15.71
N VAL A 45 3.68 1.45 -15.48
CA VAL A 45 3.08 0.50 -14.57
C VAL A 45 2.86 -0.87 -15.22
N MET A 46 2.86 -0.94 -16.55
CA MET A 46 2.52 -2.19 -17.23
C MET A 46 3.62 -3.23 -17.10
N LEU A 47 3.24 -4.49 -17.20
CA LEU A 47 4.16 -5.60 -17.07
C LEU A 47 5.20 -5.56 -18.18
N PRO A 48 6.50 -5.55 -17.86
CA PRO A 48 7.50 -5.62 -18.93
C PRO A 48 7.39 -6.92 -19.69
N GLU A 49 7.78 -6.87 -20.97
CA GLU A 49 7.64 -8.03 -21.84
C GLU A 49 8.42 -9.22 -21.29
N GLY A 50 7.74 -10.35 -21.16
CA GLY A 50 8.38 -11.58 -20.74
C GLY A 50 8.70 -11.68 -19.27
N GLU A 51 8.15 -10.81 -18.43
CA GLU A 51 8.40 -10.82 -17.00
C GLU A 51 7.26 -11.54 -16.27
N ASP A 52 7.63 -12.28 -15.22
CA ASP A 52 6.63 -12.99 -14.44
C ASP A 52 5.67 -12.01 -13.77
N LEU A 53 4.37 -12.24 -13.97
CA LEU A 53 3.35 -11.33 -13.44
C LEU A 53 3.41 -11.27 -11.92
N ASN A 54 3.52 -12.44 -11.26
CA ASN A 54 3.60 -12.48 -9.81
C ASN A 54 4.82 -11.71 -9.31
N GLU A 55 5.96 -11.87 -9.97
CA GLU A 55 7.18 -11.19 -9.53
C GLU A 55 7.09 -9.68 -9.75
N TRP A 56 6.42 -9.25 -10.82
CA TRP A 56 6.28 -7.82 -11.08
C TRP A 56 5.35 -7.17 -10.06
N ILE A 57 4.29 -7.87 -9.65
CA ILE A 57 3.41 -7.35 -8.61
C ILE A 57 4.10 -7.43 -7.25
N ALA A 58 4.82 -8.53 -6.99
CA ALA A 58 5.54 -8.66 -5.73
C ALA A 58 6.57 -7.56 -5.55
N VAL A 59 7.30 -7.24 -6.62
CA VAL A 59 8.34 -6.22 -6.55
C VAL A 59 7.74 -4.85 -6.26
N ASN A 60 6.61 -4.53 -6.90
CA ASN A 60 5.99 -3.23 -6.68
C ASN A 60 5.25 -3.18 -5.35
N THR A 61 4.62 -4.29 -4.95
CA THR A 61 3.95 -4.33 -3.66
C THR A 61 4.93 -4.03 -2.52
N VAL A 62 6.14 -4.57 -2.60
CA VAL A 62 7.17 -4.28 -1.59
C VAL A 62 7.50 -2.79 -1.60
N ASP A 63 7.72 -2.23 -2.79
CA ASP A 63 8.08 -0.82 -2.88
C ASP A 63 6.96 0.07 -2.36
N PHE A 64 5.71 -0.26 -2.70
CA PHE A 64 4.57 0.48 -2.17
C PHE A 64 4.55 0.43 -0.65
N PHE A 65 4.78 -0.75 -0.08
CA PHE A 65 4.84 -0.89 1.37
C PHE A 65 5.89 0.03 1.98
N ASN A 66 7.08 0.04 1.38
CA ASN A 66 8.15 0.91 1.87
C ASN A 66 7.76 2.38 1.75
N GLN A 67 7.23 2.77 0.59
CA GLN A 67 6.85 4.17 0.38
C GLN A 67 5.83 4.63 1.41
N ILE A 68 4.71 3.91 1.52
CA ILE A 68 3.66 4.32 2.46
C ILE A 68 4.13 4.19 3.90
N ASN A 69 5.08 3.30 4.16
CA ASN A 69 5.65 3.22 5.51
C ASN A 69 6.38 4.51 5.86
N MET A 70 7.08 5.10 4.88
CA MET A 70 7.82 6.32 5.14
C MET A 70 6.93 7.55 5.10
N LEU A 71 5.91 7.54 4.23
CA LEU A 71 4.95 8.65 4.21
C LEU A 71 4.23 8.77 5.54
N TYR A 72 3.72 7.65 6.06
CA TYR A 72 3.07 7.68 7.37
C TYR A 72 4.06 8.02 8.47
N GLY A 73 5.34 7.65 8.31
CA GLY A 73 6.35 7.98 9.29
C GLY A 73 6.65 9.45 9.42
N THR A 74 6.37 10.23 8.37
CA THR A 74 6.62 11.67 8.44
C THR A 74 5.58 12.37 9.30
N ILE A 75 4.33 11.91 9.24
CA ILE A 75 3.23 12.52 10.00
C ILE A 75 2.96 11.81 11.31
N THR A 76 3.80 10.83 11.69
CA THR A 76 3.49 9.97 12.82
C THR A 76 3.33 10.73 14.13
N GLU A 77 3.85 11.95 14.23
CA GLU A 77 3.67 12.72 15.45
C GLU A 77 2.29 13.38 15.55
N PHE A 78 1.58 13.50 14.43
CA PHE A 78 0.24 14.08 14.43
C PHE A 78 -0.87 13.04 14.54
N CYS A 79 -0.56 11.75 14.38
CA CYS A 79 -1.55 10.68 14.47
C CYS A 79 -1.36 9.98 15.81
N THR A 80 -2.31 10.17 16.72
CA THR A 80 -2.19 9.72 18.09
C THR A 80 -3.48 9.04 18.53
N GLU A 81 -3.42 8.39 19.70
CA GLU A 81 -4.63 7.91 20.34
C GLU A 81 -5.60 9.04 20.66
N ALA A 82 -5.09 10.28 20.72
CA ALA A 82 -5.94 11.43 21.03
C ALA A 82 -6.75 11.87 19.83
N SER A 83 -6.09 12.33 18.77
CA SER A 83 -6.79 12.90 17.62
C SER A 83 -7.36 11.85 16.67
N CYS A 84 -7.03 10.58 16.88
CA CYS A 84 -7.48 9.50 16.00
C CYS A 84 -7.84 8.29 16.85
N PRO A 85 -8.94 8.39 17.60
CA PRO A 85 -9.37 7.22 18.42
C PRO A 85 -9.83 6.04 17.57
N VAL A 86 -10.12 6.26 16.29
CA VAL A 86 -10.57 5.23 15.38
C VAL A 86 -9.72 5.28 14.12
N MET A 87 -9.74 4.18 13.37
CA MET A 87 -9.21 4.24 12.01
C MET A 87 -10.30 4.78 11.10
N SER A 88 -10.00 5.90 10.45
CA SER A 88 -11.00 6.61 9.68
C SER A 88 -10.40 7.08 8.37
N ALA A 89 -11.14 6.88 7.30
CA ALA A 89 -11.01 7.69 6.09
C ALA A 89 -12.32 8.44 5.99
N GLY A 90 -12.31 9.72 6.36
CA GLY A 90 -13.53 10.49 6.44
C GLY A 90 -14.44 9.99 7.55
N PRO A 91 -15.52 10.72 7.81
CA PRO A 91 -16.51 10.24 8.80
C PRO A 91 -17.31 9.05 8.31
N ARG A 92 -17.38 8.81 7.00
CA ARG A 92 -18.22 7.75 6.47
C ARG A 92 -17.58 6.38 6.63
N TYR A 93 -16.26 6.29 6.62
CA TYR A 93 -15.55 5.02 6.57
C TYR A 93 -14.72 4.82 7.82
N GLU A 94 -14.84 3.63 8.40
CA GLU A 94 -14.16 3.27 9.64
C GLU A 94 -13.69 1.83 9.53
N TYR A 95 -12.45 1.57 9.93
CA TYR A 95 -11.83 0.25 9.76
C TYR A 95 -11.58 -0.39 11.12
N HIS A 96 -11.96 -1.65 11.24
CA HIS A 96 -11.70 -2.45 12.44
C HIS A 96 -10.85 -3.65 12.04
N TRP A 97 -9.84 -3.96 12.85
CA TRP A 97 -8.76 -4.82 12.40
C TRP A 97 -9.03 -6.29 12.68
N ALA A 98 -8.80 -7.13 11.67
CA ALA A 98 -8.81 -8.58 11.80
C ALA A 98 -7.92 -9.16 10.73
N ASP A 99 -7.17 -10.23 11.04
CA ASP A 99 -6.44 -10.81 9.93
C ASP A 99 -6.86 -12.24 9.57
N GLY A 100 -6.09 -13.24 9.99
CA GLY A 100 -6.51 -14.62 9.91
C GLY A 100 -7.05 -15.28 11.16
N THR A 101 -6.20 -15.28 12.19
CA THR A 101 -6.32 -16.15 13.35
C THR A 101 -6.15 -15.38 14.65
N ASN A 102 -4.99 -14.72 14.84
CA ASN A 102 -4.78 -13.90 16.04
C ASN A 102 -6.00 -13.03 16.32
N ILE A 103 -6.48 -12.33 15.29
CA ILE A 103 -7.74 -11.62 15.37
C ILE A 103 -8.60 -12.10 14.21
N LYS A 104 -9.69 -12.79 14.53
CA LYS A 104 -10.65 -13.22 13.52
C LYS A 104 -11.77 -12.19 13.37
N LYS A 105 -12.51 -11.93 14.44
CA LYS A 105 -13.55 -10.91 14.42
C LYS A 105 -12.92 -9.53 14.45
N PRO A 106 -13.29 -8.62 13.55
CA PRO A 106 -12.66 -7.30 13.51
C PRO A 106 -12.84 -6.55 14.84
N ILE A 107 -11.77 -5.89 15.27
CA ILE A 107 -11.72 -5.23 16.56
C ILE A 107 -11.51 -3.74 16.37
N LYS A 108 -12.22 -2.93 17.17
CA LYS A 108 -12.14 -1.49 17.08
C LYS A 108 -10.95 -0.98 17.87
N CYS A 109 -10.07 -0.22 17.22
CA CYS A 109 -8.87 0.29 17.85
C CYS A 109 -8.52 1.64 17.24
N SER A 110 -7.44 2.23 17.74
CA SER A 110 -7.00 3.55 17.28
C SER A 110 -6.29 3.45 15.95
N ALA A 111 -6.31 4.55 15.19
CA ALA A 111 -5.62 4.59 13.92
C ALA A 111 -4.13 4.31 14.02
N PRO A 112 -3.39 4.83 15.02
CA PRO A 112 -1.99 4.38 15.16
C PRO A 112 -1.86 2.89 15.42
N LYS A 113 -2.67 2.34 16.32
CA LYS A 113 -2.55 0.92 16.65
C LYS A 113 -2.98 0.04 15.48
N TYR A 114 -4.01 0.46 14.74
CA TYR A 114 -4.47 -0.33 13.59
C TYR A 114 -3.39 -0.40 12.51
N ILE A 115 -2.79 0.74 12.17
CA ILE A 115 -1.75 0.74 11.16
C ILE A 115 -0.55 -0.09 11.64
N ASP A 116 -0.28 -0.09 12.94
CA ASP A 116 0.77 -0.96 13.47
C ASP A 116 0.41 -2.43 13.26
N TYR A 117 -0.83 -2.80 13.58
CA TYR A 117 -1.33 -4.13 13.24
C TYR A 117 -1.18 -4.40 11.74
N LEU A 118 -1.54 -3.40 10.92
CA LEU A 118 -1.61 -3.60 9.48
C LEU A 118 -0.22 -3.74 8.87
N MET A 119 0.70 -2.84 9.25
CA MET A 119 2.03 -2.87 8.64
C MET A 119 2.86 -4.03 9.16
N THR A 120 2.74 -4.35 10.46
CA THR A 120 3.39 -5.55 10.98
C THR A 120 2.88 -6.80 10.28
N TRP A 121 1.60 -6.80 9.90
CA TRP A 121 1.03 -7.95 9.20
C TRP A 121 1.59 -8.07 7.79
N VAL A 122 1.69 -6.95 7.06
CA VAL A 122 2.24 -6.99 5.71
C VAL A 122 3.69 -7.45 5.73
N GLN A 123 4.47 -6.93 6.68
CA GLN A 123 5.85 -7.40 6.86
C GLN A 123 5.90 -8.91 7.00
N ASP A 124 4.99 -9.48 7.80
CA ASP A 124 5.00 -10.91 8.07
C ASP A 124 4.82 -11.71 6.78
N GLN A 125 3.96 -11.23 5.88
CA GLN A 125 3.81 -11.87 4.59
C GLN A 125 5.06 -11.69 3.74
N LEU A 126 5.63 -10.48 3.77
CA LEU A 126 6.86 -10.22 3.00
C LEU A 126 8.01 -11.10 3.46
N ASP A 127 8.05 -11.46 4.74
CA ASP A 127 9.10 -12.31 5.29
C ASP A 127 8.75 -13.79 5.22
N ASP A 128 7.61 -14.13 4.64
CA ASP A 128 7.21 -15.53 4.44
C ASP A 128 7.69 -15.96 3.06
N GLU A 129 8.65 -16.89 3.03
CA GLU A 129 9.26 -17.31 1.78
C GLU A 129 8.36 -18.26 0.98
N THR A 130 7.37 -18.86 1.62
CA THR A 130 6.35 -19.58 0.87
C THR A 130 5.44 -18.62 0.11
N LEU A 131 5.39 -17.35 0.51
CA LEU A 131 4.62 -16.31 -0.15
C LEU A 131 5.51 -15.47 -1.07
N PHE A 132 6.54 -14.85 -0.52
CA PHE A 132 7.50 -14.04 -1.28
C PHE A 132 8.86 -14.72 -1.26
N PRO A 133 9.07 -15.74 -2.09
CA PRO A 133 10.34 -16.50 -2.02
C PRO A 133 11.51 -15.66 -2.50
N SER A 134 12.61 -15.71 -1.74
CA SER A 134 13.81 -14.98 -2.10
C SER A 134 14.63 -15.71 -3.15
N LYS A 135 14.55 -17.04 -3.21
CA LYS A 135 15.22 -17.78 -4.28
C LYS A 135 14.55 -17.48 -5.61
N ILE A 136 15.35 -17.12 -6.61
CA ILE A 136 14.81 -16.59 -7.86
C ILE A 136 14.14 -17.66 -8.70
N GLY A 137 14.38 -18.93 -8.43
CA GLY A 137 13.78 -20.00 -9.17
C GLY A 137 12.54 -20.63 -8.57
N VAL A 138 12.09 -20.16 -7.41
CA VAL A 138 10.97 -20.77 -6.72
C VAL A 138 9.67 -20.06 -7.14
N PRO A 139 8.68 -20.80 -7.65
CA PRO A 139 7.42 -20.17 -8.04
C PRO A 139 6.72 -19.53 -6.87
N PHE A 140 6.13 -18.36 -7.11
CA PHE A 140 5.17 -17.80 -6.18
C PHE A 140 3.98 -18.74 -6.05
N PRO A 141 3.35 -18.82 -4.88
CA PRO A 141 2.26 -19.78 -4.69
C PRO A 141 1.08 -19.46 -5.59
N LYS A 142 0.23 -20.48 -5.79
CA LYS A 142 -0.91 -20.34 -6.69
C LYS A 142 -1.89 -19.28 -6.20
N ASN A 143 -1.96 -19.06 -4.88
CA ASN A 143 -2.84 -18.08 -4.29
C ASN A 143 -2.19 -16.71 -4.16
N PHE A 144 -0.98 -16.54 -4.68
CA PHE A 144 -0.24 -15.29 -4.46
C PHE A 144 -1.05 -14.07 -4.85
N MET A 145 -1.81 -14.16 -5.96
CA MET A 145 -2.62 -13.03 -6.39
C MET A 145 -3.60 -12.60 -5.31
N SER A 146 -4.22 -13.57 -4.64
CA SER A 146 -5.14 -13.24 -3.55
C SER A 146 -4.40 -12.56 -2.41
N VAL A 147 -3.25 -13.12 -2.00
CA VAL A 147 -2.49 -12.54 -0.91
C VAL A 147 -2.05 -11.12 -1.24
N ALA A 148 -1.65 -10.86 -2.49
CA ALA A 148 -1.20 -9.52 -2.84
C ALA A 148 -2.36 -8.53 -2.89
N LYS A 149 -3.53 -8.96 -3.38
CA LYS A 149 -4.70 -8.09 -3.37
C LYS A 149 -5.06 -7.66 -1.95
N THR A 150 -4.98 -8.59 -0.98
CA THR A 150 -5.28 -8.25 0.40
C THR A 150 -4.29 -7.25 0.96
N ILE A 151 -3.00 -7.39 0.60
CA ILE A 151 -1.99 -6.46 1.07
C ILE A 151 -2.28 -5.05 0.55
N LEU A 152 -2.45 -4.92 -0.76
CA LEU A 152 -2.58 -3.60 -1.38
C LEU A 152 -3.88 -2.92 -0.97
N LYS A 153 -4.98 -3.68 -0.90
CA LYS A 153 -6.23 -3.11 -0.43
C LYS A 153 -6.12 -2.58 0.99
N ARG A 154 -5.30 -3.23 1.82
CA ARG A 154 -5.11 -2.78 3.19
C ARG A 154 -4.12 -1.63 3.28
N LEU A 155 -3.13 -1.57 2.39
CA LEU A 155 -2.20 -0.44 2.40
C LEU A 155 -2.86 0.83 1.85
N PHE A 156 -3.81 0.66 0.92
CA PHE A 156 -4.56 1.81 0.41
C PHE A 156 -5.21 2.60 1.55
N ARG A 157 -5.73 1.89 2.55
CA ARG A 157 -6.38 2.53 3.68
C ARG A 157 -5.44 3.48 4.43
N VAL A 158 -4.13 3.26 4.33
CA VAL A 158 -3.19 4.17 4.98
C VAL A 158 -3.09 5.48 4.21
N TYR A 159 -3.10 5.41 2.87
CA TYR A 159 -3.29 6.62 2.07
C TYR A 159 -4.55 7.35 2.48
N ALA A 160 -5.66 6.60 2.58
CA ALA A 160 -6.96 7.21 2.83
C ALA A 160 -7.00 7.95 4.15
N HIS A 161 -6.40 7.36 5.20
CA HIS A 161 -6.41 8.02 6.50
C HIS A 161 -5.52 9.26 6.52
N ILE A 162 -4.39 9.20 5.82
CA ILE A 162 -3.50 10.36 5.77
C ILE A 162 -4.15 11.50 5.01
N TYR A 163 -4.81 11.18 3.88
CA TYR A 163 -5.43 12.22 3.05
C TYR A 163 -6.58 12.90 3.79
N HIS A 164 -7.47 12.11 4.39
CA HIS A 164 -8.64 12.70 5.04
C HIS A 164 -8.27 13.45 6.32
N GLN A 165 -7.58 12.76 7.24
CA GLN A 165 -7.30 13.38 8.54
C GLN A 165 -6.10 14.32 8.50
N HIS A 166 -4.96 13.86 7.99
CA HIS A 166 -3.67 14.48 8.25
C HIS A 166 -3.12 15.34 7.11
N PHE A 167 -3.88 15.57 6.03
CA PHE A 167 -3.32 16.27 4.89
C PHE A 167 -2.78 17.65 5.27
N ASP A 168 -3.32 18.27 6.32
CA ASP A 168 -2.78 19.55 6.76
C ASP A 168 -1.37 19.39 7.31
N SER A 169 -1.12 18.30 8.04
CA SER A 169 0.23 18.00 8.49
C SER A 169 1.13 17.66 7.31
N VAL A 170 0.58 17.00 6.30
CA VAL A 170 1.35 16.64 5.11
C VAL A 170 1.86 17.89 4.40
N MET A 171 1.13 19.00 4.50
CA MET A 171 1.56 20.26 3.90
C MET A 171 2.35 21.17 4.85
N GLN A 172 2.34 20.89 6.16
CA GLN A 172 3.23 21.63 7.06
C GLN A 172 4.67 21.20 6.83
N LEU A 173 4.94 19.90 6.94
CA LEU A 173 6.05 19.30 6.21
C LEU A 173 5.74 19.47 4.72
N GLN A 174 6.75 19.49 3.87
CA GLN A 174 6.40 19.43 2.45
C GLN A 174 6.63 17.99 2.02
N GLU A 175 5.60 17.16 2.22
CA GLU A 175 5.51 15.83 1.66
C GLU A 175 4.41 15.69 0.61
N GLU A 176 3.66 16.76 0.31
CA GLU A 176 2.43 16.59 -0.47
C GLU A 176 2.72 16.09 -1.88
N ALA A 177 3.80 16.56 -2.50
CA ALA A 177 4.21 16.00 -3.78
C ALA A 177 4.65 14.56 -3.62
N HIS A 178 5.43 14.27 -2.58
CA HIS A 178 5.85 12.90 -2.26
C HIS A 178 4.64 11.97 -2.16
N LEU A 179 3.60 12.41 -1.47
CA LEU A 179 2.45 11.53 -1.23
C LEU A 179 1.58 11.40 -2.47
N ASN A 180 1.34 12.50 -3.18
CA ASN A 180 0.48 12.46 -4.35
C ASN A 180 1.12 11.68 -5.49
N THR A 181 2.43 11.82 -5.69
CA THR A 181 3.08 11.05 -6.75
C THR A 181 3.07 9.57 -6.40
N SER A 182 3.34 9.23 -5.14
CA SER A 182 3.30 7.83 -4.72
C SER A 182 1.87 7.29 -4.75
N PHE A 183 0.87 8.13 -4.48
CA PHE A 183 -0.51 7.67 -4.54
C PHE A 183 -0.99 7.52 -5.97
N LYS A 184 -0.58 8.43 -6.86
CA LYS A 184 -0.90 8.30 -8.27
C LYS A 184 -0.32 7.02 -8.84
N HIS A 185 0.96 6.76 -8.55
CA HIS A 185 1.60 5.52 -8.95
C HIS A 185 0.86 4.31 -8.38
N PHE A 186 0.37 4.42 -7.14
CA PHE A 186 -0.31 3.31 -6.49
C PHE A 186 -1.64 3.00 -7.18
N ILE A 187 -2.44 4.02 -7.45
CA ILE A 187 -3.76 3.80 -8.04
C ILE A 187 -3.62 3.26 -9.46
N PHE A 188 -2.73 3.86 -10.26
CA PHE A 188 -2.57 3.39 -11.63
C PHE A 188 -2.05 1.96 -11.67
N PHE A 189 -1.29 1.53 -10.66
CA PHE A 189 -0.79 0.17 -10.63
C PHE A 189 -1.89 -0.83 -10.29
N VAL A 190 -2.67 -0.56 -9.25
CA VAL A 190 -3.74 -1.49 -8.87
C VAL A 190 -4.81 -1.51 -9.96
N GLN A 191 -5.01 -0.38 -10.64
CA GLN A 191 -6.01 -0.34 -11.71
C GLN A 191 -5.57 -1.17 -12.89
N GLU A 192 -4.29 -1.07 -13.26
CA GLU A 192 -3.78 -1.84 -14.38
C GLU A 192 -3.99 -3.34 -14.17
N PHE A 193 -3.69 -3.83 -12.98
CA PHE A 193 -3.69 -5.26 -12.69
C PHE A 193 -4.95 -5.75 -11.97
N ASN A 194 -5.95 -4.89 -11.77
CA ASN A 194 -7.23 -5.29 -11.18
C ASN A 194 -7.05 -5.75 -9.72
N LEU A 195 -6.27 -5.00 -8.96
CA LEU A 195 -5.89 -5.46 -7.63
C LEU A 195 -6.83 -5.01 -6.51
N ILE A 196 -7.73 -4.05 -6.76
CA ILE A 196 -8.62 -3.56 -5.70
C ILE A 196 -10.01 -3.25 -6.27
N ASP A 197 -11.04 -3.60 -5.50
CA ASP A 197 -12.43 -3.37 -5.89
C ASP A 197 -12.81 -1.91 -5.72
N ARG A 198 -13.71 -1.43 -6.60
CA ARG A 198 -14.22 -0.07 -6.51
C ARG A 198 -14.76 0.24 -5.11
N ARG A 199 -15.37 -0.74 -4.46
CA ARG A 199 -15.97 -0.51 -3.15
C ARG A 199 -14.92 -0.13 -2.12
N GLU A 200 -13.68 -0.59 -2.29
CA GLU A 200 -12.62 -0.25 -1.35
C GLU A 200 -12.03 1.14 -1.60
N LEU A 201 -11.99 1.59 -2.85
CA LEU A 201 -11.46 2.92 -3.17
C LEU A 201 -12.50 4.04 -2.99
N ALA A 202 -13.72 3.71 -2.55
CA ALA A 202 -14.74 4.73 -2.35
C ALA A 202 -14.33 5.93 -1.51
N PRO A 203 -13.54 5.81 -0.42
CA PRO A 203 -13.19 7.01 0.36
C PRO A 203 -12.43 8.08 -0.42
N LEU A 204 -11.49 7.69 -1.27
CA LEU A 204 -10.73 8.64 -2.09
C LEU A 204 -11.29 8.79 -3.50
N GLN A 205 -12.45 8.20 -3.78
CA GLN A 205 -12.98 8.15 -5.14
C GLN A 205 -12.97 9.52 -5.81
N GLU A 206 -13.24 10.59 -5.06
CA GLU A 206 -13.20 11.93 -5.64
C GLU A 206 -11.80 12.27 -6.14
N LEU A 207 -10.77 11.97 -5.33
CA LEU A 207 -9.41 12.22 -5.75
C LEU A 207 -9.00 11.27 -6.87
N ILE A 208 -9.38 9.99 -6.74
CA ILE A 208 -9.09 9.03 -7.79
C ILE A 208 -9.63 9.46 -9.15
N GLU A 209 -10.82 10.08 -9.21
CA GLU A 209 -11.37 10.48 -10.50
C GLU A 209 -10.60 11.63 -11.14
N LYS A 210 -9.95 12.47 -10.33
CA LYS A 210 -9.18 13.58 -10.90
C LYS A 210 -7.82 13.12 -11.42
N LEU A 211 -7.23 12.10 -10.81
CA LEU A 211 -5.91 11.62 -11.21
C LEU A 211 -5.90 11.07 -12.63
N TPO B 10 -14.56 -5.69 8.95
CA TPO B 10 -13.28 -4.99 8.79
CB TPO B 10 -12.34 -5.80 7.90
CG2 TPO B 10 -12.13 -7.18 8.55
OG1 TPO B 10 -12.91 -5.96 6.60
P TPO B 10 -11.71 -6.40 5.59
O1P TPO B 10 -11.97 -5.83 4.25
O2P TPO B 10 -10.30 -5.88 6.14
O3P TPO B 10 -11.68 -8.01 5.47
C TPO B 10 -13.47 -3.58 8.23
O TPO B 10 -12.64 -2.70 8.48
N MET B 11 -14.56 -3.37 7.51
CA MET B 11 -14.84 -2.06 6.94
C MET B 11 -16.30 -1.68 7.15
N VAL B 12 -16.52 -0.62 7.95
CA VAL B 12 -17.85 -0.19 8.38
C VAL B 12 -18.14 1.18 7.79
N ILE B 13 -19.38 1.40 7.38
CA ILE B 13 -19.77 2.60 6.66
C ILE B 13 -20.96 3.25 7.37
N ASN B 14 -20.95 4.58 7.45
CA ASN B 14 -22.06 5.34 8.01
C ASN B 14 -22.98 5.84 6.91
ZN ZN C . -4.42 9.78 12.22
#